data_4QUZ
#
_entry.id   4QUZ
#
_cell.length_a   57.740
_cell.length_b   99.920
_cell.length_c   59.610
_cell.angle_alpha   90.000
_cell.angle_beta   97.920
_cell.angle_gamma   90.000
#
_symmetry.space_group_name_H-M   'P 1 21 1'
#
loop_
_entity.id
_entity.type
_entity.pdbx_description
1 polymer VP1
2 non-polymer 1,2-ETHANEDIOL
3 water water
#
_entity_poly.entity_id   1
_entity_poly.type   'polypeptide(L)'
_entity_poly.pdbx_seq_one_letter_code
;VSFSVPGLVVEDMSNSRWPAQINGLVVRGNEAQVVHFQNGRCTTEGTLLGTTTLSINSICGLRGLSVSQASVRGAPALTE
EMPPLEDEVADGAAATYTLARAADTTLWLRVEEPDGRPYDIFGDQPAPLGTPDFTAVIVGTAIRPRTASGAYLHDAYVDT
TPGDADFTPSTGNTKIVLRGGGSGHVGQGHYWQFRPIAVEGGGSRPQYQEYNLPDYAGPTASNHDLAPPVAPRMPGELLL
LFESDMPVWDNGAGAAPAQKIHCLLPNEFITHLFDLQAPALAEAALLRYVHPDSGRTLFECKLYREGYMVVAAPAGRLNF
PLDGYFRFDSWVSAFYILSPV
;
_entity_poly.pdbx_strand_id   A,B
#
loop_
_chem_comp.id
_chem_comp.type
_chem_comp.name
_chem_comp.formula
EDO non-polymer 1,2-ETHANEDIOL 'C2 H6 O2'
#
# COMPACT_ATOMS: atom_id res chain seq x y z
N VAL A 1 -19.72 22.47 -5.07
CA VAL A 1 -19.35 21.10 -4.74
C VAL A 1 -19.65 20.75 -3.28
N SER A 2 -20.66 19.91 -3.07
CA SER A 2 -21.07 19.50 -1.75
C SER A 2 -20.05 18.56 -1.11
N PHE A 3 -19.85 18.71 0.19
CA PHE A 3 -18.88 17.90 0.93
C PHE A 3 -19.41 16.50 1.26
N SER A 4 -18.50 15.54 1.31
CA SER A 4 -18.81 14.17 1.70
C SER A 4 -17.54 13.44 2.11
N VAL A 5 -17.71 12.34 2.83
CA VAL A 5 -16.59 11.49 3.25
C VAL A 5 -16.81 10.09 2.66
N PRO A 6 -15.75 9.28 2.55
CA PRO A 6 -15.91 7.96 1.96
C PRO A 6 -16.86 7.06 2.74
N GLY A 7 -17.55 6.18 2.03
CA GLY A 7 -18.49 5.26 2.63
C GLY A 7 -17.88 3.91 2.94
N LEU A 8 -16.55 3.85 2.91
CA LEU A 8 -15.83 2.61 3.22
C LEU A 8 -15.78 2.37 4.72
N VAL A 9 -15.93 1.10 5.11
CA VAL A 9 -15.78 0.73 6.52
C VAL A 9 -14.31 0.81 6.94
N VAL A 10 -14.10 1.03 8.23
CA VAL A 10 -12.76 1.37 8.75
C VAL A 10 -11.71 0.28 8.50
N GLU A 11 -12.08 -0.98 8.70
CA GLU A 11 -11.13 -2.08 8.53
C GLU A 11 -10.78 -2.33 7.05
N ASP A 12 -11.47 -1.63 6.15
CA ASP A 12 -11.12 -1.64 4.73
C ASP A 12 -10.05 -0.61 4.38
N MET A 13 -9.86 0.37 5.26
CA MET A 13 -8.99 1.52 4.96
C MET A 13 -7.56 1.36 5.49
N SER A 14 -6.68 2.28 5.08
CA SER A 14 -5.25 2.15 5.34
C SER A 14 -4.60 3.37 6.02
N ASN A 15 -3.50 3.10 6.73
CA ASN A 15 -2.75 4.12 7.47
C ASN A 15 -1.93 5.04 6.54
N SER A 16 -2.00 6.35 6.77
CA SER A 16 -1.30 7.30 5.90
C SER A 16 0.09 7.66 6.38
N ARG A 17 0.60 6.94 7.38
CA ARG A 17 1.95 7.19 7.88
C ARG A 17 2.79 5.91 7.85
N TRP A 18 2.13 4.80 7.57
CA TRP A 18 2.81 3.49 7.56
C TRP A 18 2.05 2.53 6.65
N PRO A 19 2.75 1.55 6.06
CA PRO A 19 2.04 0.56 5.23
C PRO A 19 1.29 -0.48 6.06
N ALA A 20 0.03 -0.18 6.41
CA ALA A 20 -0.78 -1.11 7.17
C ALA A 20 -2.29 -0.81 7.12
N GLN A 21 -3.09 -1.86 7.20
CA GLN A 21 -4.54 -1.74 7.38
C GLN A 21 -4.82 -1.07 8.74
N ILE A 22 -5.93 -0.33 8.84
CA ILE A 22 -6.39 0.16 10.13
C ILE A 22 -7.04 -0.97 10.92
N ASN A 23 -6.60 -1.18 12.15
CA ASN A 23 -7.19 -2.21 13.00
C ASN A 23 -7.60 -1.70 14.39
N GLY A 24 -7.58 -0.38 14.58
CA GLY A 24 -7.99 0.20 15.85
C GLY A 24 -8.44 1.64 15.79
N LEU A 25 -9.36 2.00 16.69
CA LEU A 25 -9.71 3.39 16.92
C LEU A 25 -9.37 3.77 18.36
N VAL A 26 -8.56 4.81 18.53
CA VAL A 26 -8.18 5.25 19.87
C VAL A 26 -8.34 6.76 20.04
N VAL A 27 -8.57 7.17 21.28
CA VAL A 27 -8.64 8.57 21.65
C VAL A 27 -7.39 8.98 22.43
N ARG A 28 -6.72 10.03 21.96
CA ARG A 28 -5.51 10.48 22.64
C ARG A 28 -5.76 11.78 23.41
N GLY A 29 -5.20 11.85 24.61
CA GLY A 29 -5.29 13.05 25.42
C GLY A 29 -4.27 14.11 25.01
N ASN A 30 -4.27 15.23 25.73
CA ASN A 30 -3.32 16.31 25.46
C ASN A 30 -1.99 16.08 26.18
N GLU A 31 -1.21 15.10 25.71
CA GLU A 31 0.07 14.79 26.33
C GLU A 31 1.09 15.91 26.07
N ALA A 32 2.24 15.80 26.74
CA ALA A 32 3.30 16.79 26.60
C ALA A 32 3.80 16.86 25.15
N GLN A 33 3.93 15.69 24.51
CA GLN A 33 4.36 15.64 23.13
C GLN A 33 3.17 15.83 22.19
N VAL A 34 3.14 16.96 21.52
CA VAL A 34 2.01 17.33 20.67
C VAL A 34 2.09 16.64 19.31
N VAL A 35 0.94 16.23 18.79
CA VAL A 35 0.89 15.56 17.50
C VAL A 35 1.35 16.52 16.41
N HIS A 36 2.38 16.13 15.66
CA HIS A 36 3.00 17.01 14.67
C HIS A 36 3.31 16.27 13.38
N PHE A 37 2.38 15.41 12.97
CA PHE A 37 2.51 14.56 11.80
C PHE A 37 2.81 15.37 10.54
N GLN A 38 3.76 14.89 9.74
CA GLN A 38 4.02 15.48 8.43
C GLN A 38 3.29 14.71 7.32
N ASN A 39 3.21 13.39 7.48
CA ASN A 39 2.39 12.57 6.59
C ASN A 39 0.96 12.46 7.11
N GLY A 40 0.05 12.07 6.23
CA GLY A 40 -1.36 11.95 6.57
C GLY A 40 -1.99 13.27 6.97
N ARG A 41 -1.66 14.33 6.22
CA ARG A 41 -2.21 15.65 6.51
C ARG A 41 -3.01 16.20 5.33
N CYS A 42 -4.32 16.24 5.48
CA CYS A 42 -5.19 16.78 4.44
C CYS A 42 -6.36 17.55 5.05
N THR A 43 -6.62 18.74 4.51
CA THR A 43 -7.74 19.54 4.96
C THR A 43 -9.03 19.04 4.34
N THR A 44 -10.17 19.42 4.91
CA THR A 44 -11.46 18.99 4.39
C THR A 44 -11.70 19.57 2.99
N GLU A 45 -10.87 20.53 2.61
CA GLU A 45 -10.95 21.15 1.29
C GLU A 45 -10.06 20.42 0.29
N GLY A 46 -9.34 19.40 0.77
CA GLY A 46 -8.45 18.63 -0.08
C GLY A 46 -7.11 19.29 -0.33
N THR A 47 -6.68 20.14 0.61
CA THR A 47 -5.36 20.75 0.52
C THR A 47 -4.35 19.90 1.29
N LEU A 48 -3.31 19.44 0.60
CA LEU A 48 -2.27 18.63 1.24
C LEU A 48 -1.22 19.49 1.94
N LEU A 49 -0.73 18.98 3.08
CA LEU A 49 0.22 19.71 3.92
C LEU A 49 1.40 18.82 4.27
N GLY A 50 2.48 19.43 4.76
CA GLY A 50 3.67 18.69 5.15
C GLY A 50 4.31 17.92 4.01
N THR A 51 4.53 16.63 4.22
CA THR A 51 5.13 15.77 3.21
C THR A 51 4.13 14.76 2.64
N THR A 52 2.86 15.12 2.66
CA THR A 52 1.80 14.17 2.32
C THR A 52 1.71 13.89 0.83
N THR A 53 1.78 12.62 0.47
CA THR A 53 1.60 12.21 -0.92
C THR A 53 0.40 11.28 -1.10
N LEU A 54 -0.14 11.27 -2.31
CA LEU A 54 -1.27 10.41 -2.62
C LEU A 54 -0.83 8.99 -2.98
N SER A 55 0.48 8.85 -3.20
CA SER A 55 1.05 7.56 -3.60
C SER A 55 1.35 6.71 -2.37
N ILE A 56 0.44 5.80 -2.06
CA ILE A 56 0.45 5.04 -0.80
C ILE A 56 1.74 4.24 -0.64
N ASN A 57 2.30 3.80 -1.76
CA ASN A 57 3.52 3.02 -1.75
C ASN A 57 4.77 3.85 -1.48
N SER A 58 4.63 5.17 -1.50
CA SER A 58 5.75 6.07 -1.26
C SER A 58 5.80 6.54 0.18
N ILE A 59 4.85 6.09 0.99
CA ILE A 59 4.70 6.59 2.35
C ILE A 59 5.77 6.03 3.30
N CYS A 60 6.39 6.92 4.06
CA CYS A 60 7.48 6.59 4.97
C CYS A 60 8.61 5.88 4.23
N GLY A 61 9.07 6.49 3.13
CA GLY A 61 10.13 5.92 2.32
C GLY A 61 11.04 6.97 1.70
N LEU A 62 12.12 6.51 1.08
CA LEU A 62 13.05 7.38 0.35
C LEU A 62 13.33 6.79 -1.01
N ARG A 63 13.45 7.65 -2.03
CA ARG A 63 13.80 7.16 -3.36
C ARG A 63 14.64 8.20 -4.13
N GLY A 64 15.42 7.73 -5.09
CA GLY A 64 16.24 8.61 -5.92
C GLY A 64 17.46 7.95 -6.53
N LEU A 65 18.32 8.77 -7.16
CA LEU A 65 19.55 8.29 -7.79
C LEU A 65 20.72 8.15 -6.80
N SER A 66 21.48 7.07 -6.94
CA SER A 66 22.68 6.86 -6.13
C SER A 66 23.80 7.85 -6.49
N VAL A 67 24.58 8.26 -5.49
CA VAL A 67 25.72 9.16 -5.70
C VAL A 67 26.92 8.71 -4.86
N SER A 68 28.11 9.21 -5.21
CA SER A 68 29.33 8.90 -4.46
C SER A 68 29.37 9.59 -3.08
N GLN A 69 30.19 9.07 -2.18
CA GLN A 69 30.37 9.65 -0.86
C GLN A 69 30.97 11.06 -0.89
N ALA A 70 32.01 11.22 -1.70
CA ALA A 70 32.75 12.49 -1.76
C ALA A 70 31.94 13.61 -2.40
N SER A 71 30.86 13.25 -3.10
CA SER A 71 29.99 14.24 -3.71
C SER A 71 29.07 14.86 -2.66
N VAL A 72 28.98 14.21 -1.50
CA VAL A 72 28.12 14.70 -0.43
C VAL A 72 28.95 15.27 0.71
N ALA A 103 30.34 -7.05 7.12
CA ALA A 103 30.24 -5.63 7.45
C ALA A 103 29.25 -4.93 6.54
N ASP A 104 28.80 -3.74 6.96
CA ASP A 104 27.76 -3.02 6.23
C ASP A 104 28.31 -2.22 5.05
N THR A 105 27.42 -1.79 4.17
CA THR A 105 27.76 -0.94 3.04
C THR A 105 26.87 0.30 3.03
N THR A 106 27.47 1.46 2.84
CA THR A 106 26.71 2.72 2.81
C THR A 106 26.24 3.09 1.41
N LEU A 107 25.00 3.56 1.32
CA LEU A 107 24.42 4.01 0.06
C LEU A 107 23.98 5.47 0.17
N TRP A 108 24.36 6.28 -0.81
CA TRP A 108 24.00 7.69 -0.80
C TRP A 108 23.06 8.04 -1.93
N LEU A 109 21.92 8.64 -1.59
CA LEU A 109 20.93 9.01 -2.60
C LEU A 109 20.75 10.51 -2.69
N ARG A 110 20.58 10.98 -3.92
CA ARG A 110 20.11 12.33 -4.16
C ARG A 110 18.59 12.21 -4.21
N VAL A 111 17.93 12.63 -3.12
CA VAL A 111 16.51 12.35 -2.96
C VAL A 111 15.63 13.13 -3.93
N GLU A 112 14.56 12.50 -4.40
CA GLU A 112 13.60 13.13 -5.29
C GLU A 112 12.16 12.81 -4.86
N GLU A 113 11.19 13.39 -5.56
CA GLU A 113 9.76 13.16 -5.32
C GLU A 113 9.29 11.80 -5.87
N PRO A 114 8.09 11.34 -5.45
CA PRO A 114 7.55 10.07 -5.94
C PRO A 114 7.29 10.01 -7.44
N ASP A 115 6.89 11.13 -8.04
CA ASP A 115 6.64 11.18 -9.49
C ASP A 115 7.93 11.19 -10.31
N GLY A 116 9.08 11.22 -9.63
CA GLY A 116 10.37 11.22 -10.28
C GLY A 116 10.98 12.60 -10.51
N ARG A 117 10.16 13.64 -10.38
CA ARG A 117 10.66 15.01 -10.49
C ARG A 117 11.52 15.36 -9.28
N PRO A 118 12.53 16.22 -9.48
CA PRO A 118 13.50 16.52 -8.41
C PRO A 118 12.89 17.25 -7.21
N TYR A 119 13.48 17.04 -6.04
CA TYR A 119 13.03 17.72 -4.82
C TYR A 119 13.53 19.17 -4.78
N ASP A 120 12.61 20.10 -4.55
CA ASP A 120 12.92 21.51 -4.46
C ASP A 120 13.38 21.89 -3.05
N ILE A 121 14.68 22.13 -2.90
CA ILE A 121 15.30 22.37 -1.61
C ILE A 121 14.68 23.55 -0.88
N PHE A 122 14.41 24.62 -1.62
CA PHE A 122 13.88 25.86 -1.03
C PHE A 122 12.39 26.02 -1.31
N GLY A 123 11.69 24.90 -1.41
CA GLY A 123 10.26 24.90 -1.65
C GLY A 123 9.45 24.96 -0.37
N ASP A 124 8.20 24.53 -0.46
CA ASP A 124 7.22 24.62 0.63
C ASP A 124 7.10 23.35 1.46
N GLN A 125 8.12 22.50 1.43
CA GLN A 125 8.07 21.22 2.15
C GLN A 125 9.29 21.07 3.07
N PRO A 126 9.10 20.41 4.21
CA PRO A 126 10.23 20.14 5.12
C PRO A 126 11.17 19.09 4.56
N ALA A 127 10.66 18.28 3.63
CA ALA A 127 11.40 17.17 3.05
C ALA A 127 10.64 16.65 1.83
N PRO A 128 11.24 15.72 1.06
CA PRO A 128 10.45 15.12 -0.02
C PRO A 128 9.20 14.41 0.49
N LEU A 129 8.17 14.37 -0.34
CA LEU A 129 6.91 13.73 0.02
C LEU A 129 7.15 12.27 0.37
N GLY A 130 6.46 11.80 1.40
CA GLY A 130 6.58 10.43 1.86
C GLY A 130 7.74 10.17 2.79
N THR A 131 8.55 11.19 3.06
CA THR A 131 9.69 11.05 3.99
C THR A 131 9.15 10.66 5.36
N PRO A 132 9.86 9.76 6.07
CA PRO A 132 9.48 9.41 7.44
C PRO A 132 9.34 10.63 8.35
N ASP A 133 8.29 10.65 9.17
CA ASP A 133 8.04 11.79 10.05
C ASP A 133 8.19 11.45 11.53
N PHE A 134 9.08 10.50 11.84
CA PHE A 134 9.32 10.15 13.23
C PHE A 134 10.74 9.60 13.43
N THR A 135 11.17 9.53 14.69
CA THR A 135 12.51 9.08 15.04
C THR A 135 12.52 7.62 15.45
N ALA A 136 13.37 6.85 14.78
CA ALA A 136 13.57 5.44 15.06
C ALA A 136 14.66 4.91 14.13
N VAL A 137 15.00 3.64 14.27
CA VAL A 137 15.73 2.97 13.21
C VAL A 137 14.69 2.19 12.43
N ILE A 138 14.56 2.50 11.15
CA ILE A 138 13.53 1.88 10.33
C ILE A 138 14.16 0.79 9.47
N VAL A 139 13.71 -0.43 9.69
CA VAL A 139 14.18 -1.57 8.91
C VAL A 139 13.36 -1.67 7.62
N GLY A 140 13.97 -2.14 6.55
CA GLY A 140 13.29 -2.23 5.28
C GLY A 140 14.19 -2.75 4.17
N THR A 141 13.75 -2.58 2.93
CA THR A 141 14.50 -3.10 1.80
C THR A 141 14.99 -1.98 0.88
N ALA A 142 16.27 -2.04 0.54
CA ALA A 142 16.82 -1.13 -0.46
C ALA A 142 16.70 -1.79 -1.82
N ILE A 143 15.94 -1.16 -2.72
CA ILE A 143 15.61 -1.77 -4.01
C ILE A 143 16.14 -0.96 -5.19
N ARG A 144 16.87 -1.64 -6.07
CA ARG A 144 17.37 -1.03 -7.31
C ARG A 144 16.79 -1.78 -8.51
N PRO A 145 15.58 -1.39 -8.93
CA PRO A 145 14.68 -2.21 -9.78
C PRO A 145 14.89 -2.14 -11.29
N ARG A 146 15.54 -1.12 -11.83
CA ARG A 146 15.56 -0.91 -13.28
C ARG A 146 16.92 -1.02 -13.98
N THR A 147 17.98 -1.35 -13.26
CA THR A 147 19.32 -1.35 -13.85
C THR A 147 19.53 -2.40 -14.96
N ALA A 148 20.07 -1.95 -16.09
CA ALA A 148 20.27 -2.80 -17.25
C ALA A 148 21.25 -3.94 -16.95
N SER A 149 22.20 -3.69 -16.06
CA SER A 149 23.17 -4.71 -15.65
C SER A 149 22.49 -5.80 -14.82
N GLY A 150 21.26 -5.53 -14.38
CA GLY A 150 20.50 -6.46 -13.57
C GLY A 150 19.92 -5.81 -12.34
N ALA A 151 18.77 -6.33 -11.89
CA ALA A 151 18.05 -5.77 -10.76
C ALA A 151 18.69 -6.22 -9.45
N TYR A 152 18.53 -5.41 -8.41
CA TYR A 152 19.15 -5.72 -7.12
C TYR A 152 18.29 -5.27 -5.95
N LEU A 153 18.43 -5.97 -4.83
CA LEU A 153 17.83 -5.56 -3.57
C LEU A 153 18.68 -6.10 -2.41
N HIS A 154 18.56 -5.49 -1.24
CA HIS A 154 19.25 -5.98 -0.05
C HIS A 154 18.60 -5.44 1.23
N ASP A 155 18.71 -6.19 2.30
CA ASP A 155 18.20 -5.78 3.61
C ASP A 155 18.91 -4.49 4.05
N ALA A 156 18.15 -3.55 4.60
CA ALA A 156 18.69 -2.22 4.88
C ALA A 156 17.99 -1.56 6.06
N TYR A 157 18.60 -0.51 6.59
CA TYR A 157 17.97 0.27 7.64
C TYR A 157 18.31 1.77 7.55
N VAL A 158 17.38 2.61 8.02
CA VAL A 158 17.59 4.05 8.06
C VAL A 158 17.41 4.61 9.47
N ASP A 159 18.45 5.25 9.98
CA ASP A 159 18.42 5.82 11.33
C ASP A 159 17.92 7.27 11.24
N THR A 160 16.72 7.51 11.74
CA THR A 160 16.12 8.84 11.64
C THR A 160 16.21 9.63 12.95
N THR A 161 16.91 9.09 13.93
CA THR A 161 17.09 9.78 15.21
C THR A 161 18.21 10.81 15.09
N PRO A 162 18.26 11.78 16.03
CA PRO A 162 19.37 12.75 15.99
C PRO A 162 20.71 12.13 16.35
N GLY A 163 20.71 10.87 16.76
CA GLY A 163 21.94 10.13 17.00
C GLY A 163 22.74 9.91 15.74
N ASP A 164 22.07 9.97 14.59
CA ASP A 164 22.74 9.85 13.30
C ASP A 164 22.77 11.18 12.57
N ALA A 165 23.98 11.67 12.32
CA ALA A 165 24.19 12.96 11.66
C ALA A 165 23.76 12.94 10.19
N ASP A 166 23.64 11.77 9.59
CA ASP A 166 23.48 11.67 8.13
C ASP A 166 22.06 11.47 7.62
N PHE A 167 21.06 11.60 8.49
CA PHE A 167 19.68 11.70 8.02
C PHE A 167 19.42 13.15 7.65
N THR A 168 19.64 13.49 6.38
CA THR A 168 19.54 14.89 5.95
C THR A 168 18.75 15.12 4.67
N PRO A 169 17.54 14.52 4.55
CA PRO A 169 16.85 14.63 3.26
C PRO A 169 16.50 16.07 2.90
N SER A 170 16.44 16.95 3.89
CA SER A 170 16.16 18.37 3.65
C SER A 170 17.26 19.07 2.84
N THR A 171 18.46 18.48 2.83
CA THR A 171 19.59 19.07 2.12
C THR A 171 19.71 18.53 0.70
N GLY A 172 18.89 17.53 0.38
CA GLY A 172 18.89 16.94 -0.96
C GLY A 172 19.62 15.61 -1.04
N ASN A 173 20.34 15.26 0.01
CA ASN A 173 20.98 13.95 0.09
C ASN A 173 20.74 13.26 1.42
N THR A 174 20.61 11.94 1.39
CA THR A 174 20.47 11.18 2.61
C THR A 174 21.20 9.85 2.50
N LYS A 175 21.36 9.16 3.62
CA LYS A 175 22.15 7.95 3.66
C LYS A 175 21.28 6.73 4.00
N ILE A 176 21.54 5.62 3.31
CA ILE A 176 20.88 4.36 3.60
C ILE A 176 21.93 3.28 3.83
N VAL A 177 21.77 2.51 4.91
CA VAL A 177 22.74 1.48 5.25
C VAL A 177 22.28 0.09 4.83
N LEU A 178 23.07 -0.54 3.96
CA LEU A 178 22.81 -1.92 3.59
C LEU A 178 23.39 -2.83 4.65
N ARG A 179 22.53 -3.60 5.31
CA ARG A 179 22.93 -4.40 6.46
C ARG A 179 23.63 -5.70 6.05
N GLY A 180 24.89 -5.83 6.45
CA GLY A 180 25.63 -7.07 6.30
C GLY A 180 26.23 -7.35 4.93
N GLY A 181 25.95 -6.50 3.96
CA GLY A 181 26.46 -6.69 2.61
C GLY A 181 26.11 -5.55 1.66
N GLY A 182 26.33 -5.77 0.37
CA GLY A 182 26.00 -4.79 -0.64
C GLY A 182 27.19 -4.10 -1.29
N SER A 183 28.40 -4.53 -0.96
CA SER A 183 29.60 -3.92 -1.52
C SER A 183 29.72 -4.17 -3.03
N GLY A 184 29.95 -3.12 -3.79
CA GLY A 184 30.04 -3.23 -5.24
C GLY A 184 28.76 -2.93 -5.98
N HIS A 185 27.66 -2.74 -5.25
CA HIS A 185 26.36 -2.51 -5.86
C HIS A 185 25.86 -1.07 -5.69
N VAL A 186 26.64 -0.23 -5.02
CA VAL A 186 26.18 1.11 -4.67
C VAL A 186 26.80 2.20 -5.55
N GLY A 187 27.10 1.88 -6.80
CA GLY A 187 27.68 2.84 -7.73
C GLY A 187 26.69 3.93 -8.08
N GLN A 188 27.22 5.07 -8.52
CA GLN A 188 26.41 6.26 -8.78
C GLN A 188 25.59 6.15 -10.06
N GLY A 189 24.54 6.95 -10.15
CA GLY A 189 23.74 7.05 -11.36
C GLY A 189 22.57 6.09 -11.52
N HIS A 190 22.15 5.42 -10.44
CA HIS A 190 21.07 4.43 -10.56
C HIS A 190 19.90 4.72 -9.61
N TYR A 191 18.71 4.33 -10.02
CA TYR A 191 17.50 4.61 -9.23
C TYR A 191 17.32 3.60 -8.13
N TRP A 192 17.13 4.10 -6.91
CA TRP A 192 16.96 3.28 -5.72
C TRP A 192 15.70 3.66 -4.97
N GLN A 193 15.13 2.70 -4.24
CA GLN A 193 14.04 2.96 -3.32
C GLN A 193 14.34 2.32 -1.97
N PHE A 194 13.96 2.99 -0.89
CA PHE A 194 13.94 2.32 0.41
C PHE A 194 12.50 2.17 0.87
N ARG A 195 12.07 0.92 1.04
CA ARG A 195 10.70 0.62 1.44
C ARG A 195 10.70 0.01 2.82
N PRO A 196 9.87 0.56 3.72
CA PRO A 196 9.82 0.24 5.15
C PRO A 196 9.09 -1.06 5.47
N ILE A 197 9.70 -1.87 6.33
CA ILE A 197 9.09 -3.10 6.81
C ILE A 197 8.74 -3.00 8.29
N ALA A 198 9.66 -2.47 9.09
CA ALA A 198 9.49 -2.38 10.54
C ALA A 198 10.41 -1.35 11.19
N VAL A 199 10.23 -1.12 12.49
CA VAL A 199 11.16 -0.33 13.29
C VAL A 199 11.94 -1.24 14.25
N GLU A 200 13.13 -0.80 14.65
CA GLU A 200 13.93 -1.56 15.62
C GLU A 200 13.37 -1.45 17.04
N GLY A 201 13.59 -2.51 17.81
CA GLY A 201 13.19 -2.57 19.20
C GLY A 201 14.28 -3.34 19.92
N GLY A 202 14.15 -3.49 21.23
CA GLY A 202 15.17 -4.22 21.97
C GLY A 202 16.00 -3.31 22.86
N GLY A 203 16.78 -3.92 23.74
CA GLY A 203 17.44 -3.22 24.83
C GLY A 203 18.42 -2.14 24.46
N SER A 204 19.33 -2.41 23.54
CA SER A 204 20.35 -1.44 23.19
C SER A 204 20.17 -0.86 21.79
N ARG A 205 18.93 -0.71 21.37
CA ARG A 205 18.63 -0.12 20.07
C ARG A 205 17.89 1.20 20.27
N PRO A 206 17.99 2.12 19.29
CA PRO A 206 17.31 3.41 19.42
C PRO A 206 15.80 3.26 19.57
N GLN A 207 15.20 4.07 20.43
CA GLN A 207 13.77 4.00 20.70
C GLN A 207 12.93 4.43 19.51
N TYR A 208 11.80 3.77 19.32
CA TYR A 208 10.83 4.17 18.32
C TYR A 208 9.80 5.12 18.94
N GLN A 209 9.79 6.36 18.46
CA GLN A 209 8.96 7.41 19.04
C GLN A 209 8.14 8.08 17.94
N GLU A 210 6.96 7.55 17.69
CA GLU A 210 6.16 7.99 16.53
C GLU A 210 5.70 9.45 16.61
N TYR A 211 5.74 10.03 17.80
CA TYR A 211 5.31 11.42 17.94
C TYR A 211 6.46 12.43 17.88
N ASN A 212 7.69 11.92 17.81
CA ASN A 212 8.89 12.76 17.78
C ASN A 212 9.39 13.03 16.36
N LEU A 213 9.24 14.27 15.92
CA LEU A 213 9.70 14.69 14.59
C LEU A 213 11.22 14.61 14.51
N PRO A 214 11.75 14.14 13.38
CA PRO A 214 13.19 14.06 13.14
C PRO A 214 13.80 15.40 12.72
N ASP A 215 15.12 15.47 12.69
CA ASP A 215 15.80 16.63 12.12
C ASP A 215 16.05 16.38 10.64
N TYR A 216 15.17 16.90 9.80
CA TYR A 216 15.26 16.64 8.36
C TYR A 216 16.54 17.19 7.75
N ALA A 217 17.07 18.25 8.34
CA ALA A 217 18.30 18.88 7.84
C ALA A 217 19.54 18.39 8.59
N GLY A 218 19.35 17.46 9.51
CA GLY A 218 20.44 16.98 10.35
C GLY A 218 20.72 17.87 11.55
N PRO A 219 21.80 17.56 12.29
CA PRO A 219 22.19 18.27 13.52
C PRO A 219 22.58 19.74 13.29
N THR A 220 23.18 20.03 12.14
CA THR A 220 23.72 21.37 11.88
C THR A 220 22.65 22.44 11.58
N ALA A 221 21.50 22.01 11.04
CA ALA A 221 20.49 22.96 10.56
C ALA A 221 19.08 22.69 11.09
N SER A 222 18.16 23.60 10.78
CA SER A 222 16.79 23.54 11.28
C SER A 222 15.77 23.11 10.23
N ASN A 223 14.62 22.63 10.70
CA ASN A 223 13.47 22.31 9.84
C ASN A 223 12.81 23.58 9.30
N HIS A 224 11.96 23.42 8.29
CA HIS A 224 11.20 24.55 7.74
C HIS A 224 9.93 24.06 7.06
N ASP A 225 8.90 24.90 7.02
CA ASP A 225 7.64 24.61 6.34
C ASP A 225 6.96 23.33 6.88
N LEU A 226 7.11 23.07 8.18
CA LEU A 226 6.41 21.94 8.80
C LEU A 226 4.91 22.19 8.83
N ALA A 227 4.13 21.14 8.61
CA ALA A 227 2.68 21.23 8.80
C ALA A 227 2.38 21.53 10.28
N PRO A 228 1.35 22.34 10.53
CA PRO A 228 1.04 22.81 11.89
C PRO A 228 0.71 21.70 12.88
N PRO A 229 0.93 21.94 14.18
CA PRO A 229 0.61 21.00 15.26
C PRO A 229 -0.89 20.73 15.35
N VAL A 230 -1.25 19.55 15.82
CA VAL A 230 -2.66 19.21 16.02
C VAL A 230 -2.98 19.11 17.51
N ALA A 231 -3.81 20.02 18.00
CA ALA A 231 -4.31 19.97 19.36
C ALA A 231 -5.71 20.57 19.43
N PRO A 232 -6.68 19.78 19.93
CA PRO A 232 -8.06 20.27 20.04
C PRO A 232 -8.18 21.48 20.96
N ARG A 233 -8.81 22.54 20.45
CA ARG A 233 -9.04 23.76 21.21
C ARG A 233 -10.21 23.63 22.17
N MET A 234 -11.32 23.08 21.69
CA MET A 234 -12.57 23.09 22.45
C MET A 234 -12.52 22.13 23.64
N PRO A 235 -13.07 22.56 24.78
CA PRO A 235 -13.06 21.75 26.01
C PRO A 235 -13.97 20.52 25.91
N GLY A 236 -13.46 19.38 26.39
CA GLY A 236 -14.20 18.14 26.34
C GLY A 236 -14.07 17.43 25.01
N GLU A 237 -13.21 17.93 24.14
CA GLU A 237 -12.99 17.32 22.83
C GLU A 237 -11.56 16.79 22.76
N LEU A 238 -11.44 15.48 22.53
CA LEU A 238 -10.12 14.87 22.42
C LEU A 238 -9.92 14.30 21.04
N LEU A 239 -8.65 14.14 20.68
CA LEU A 239 -8.28 13.71 19.33
C LEU A 239 -8.57 12.23 19.10
N LEU A 240 -9.16 11.91 17.97
CA LEU A 240 -9.38 10.51 17.59
C LEU A 240 -8.34 10.08 16.57
N LEU A 241 -7.65 8.98 16.86
CA LEU A 241 -6.61 8.50 15.96
C LEU A 241 -6.94 7.13 15.38
N PHE A 242 -6.48 6.87 14.15
CA PHE A 242 -6.63 5.56 13.52
C PHE A 242 -5.39 4.71 13.77
N GLU A 243 -5.58 3.53 14.34
CA GLU A 243 -4.45 2.69 14.78
C GLU A 243 -4.12 1.55 13.80
N SER A 244 -2.83 1.26 13.69
CA SER A 244 -2.34 0.09 12.98
C SER A 244 -1.28 -0.60 13.84
N ASP A 245 -0.99 -1.86 13.53
CA ASP A 245 0.14 -2.56 14.14
C ASP A 245 1.46 -2.03 13.58
N MET A 246 2.48 -1.97 14.43
CA MET A 246 3.82 -1.64 13.96
C MET A 246 4.77 -2.82 14.17
N PRO A 247 5.28 -3.40 13.06
CA PRO A 247 6.17 -4.56 13.17
C PRO A 247 7.50 -4.18 13.83
N VAL A 248 8.11 -5.13 14.52
CA VAL A 248 9.35 -4.88 15.26
C VAL A 248 10.46 -5.86 14.86
N TRP A 249 11.65 -5.32 14.65
CA TRP A 249 12.83 -6.11 14.31
C TRP A 249 13.78 -6.13 15.51
N ASP A 250 14.19 -7.32 15.94
CA ASP A 250 15.16 -7.41 17.02
C ASP A 250 16.20 -8.50 16.76
N ASN A 251 16.66 -8.58 15.52
CA ASN A 251 17.71 -9.52 15.12
C ASN A 251 17.31 -10.98 15.35
N GLY A 252 16.02 -11.27 15.20
CA GLY A 252 15.54 -12.64 15.29
C GLY A 252 15.28 -13.15 16.70
N ALA A 253 15.40 -12.27 17.68
CA ALA A 253 15.18 -12.64 19.08
C ALA A 253 13.71 -12.91 19.36
N GLY A 254 12.84 -12.03 18.90
CA GLY A 254 11.42 -12.15 19.15
C GLY A 254 11.02 -11.83 20.58
N ALA A 255 11.81 -10.96 21.23
CA ALA A 255 11.58 -10.61 22.62
C ALA A 255 11.11 -9.16 22.83
N ALA A 256 11.29 -8.32 21.82
CA ALA A 256 10.93 -6.91 21.91
C ALA A 256 9.41 -6.72 21.93
N PRO A 257 8.92 -5.74 22.70
CA PRO A 257 7.47 -5.56 22.87
C PRO A 257 6.77 -5.04 21.63
N ALA A 258 5.52 -5.45 21.42
CA ALA A 258 4.76 -5.08 20.25
C ALA A 258 4.48 -3.57 20.22
N GLN A 259 4.35 -3.01 19.01
CA GLN A 259 4.22 -1.57 18.87
C GLN A 259 3.02 -1.20 18.00
N LYS A 260 2.65 0.08 18.05
CA LYS A 260 1.56 0.61 17.23
C LYS A 260 2.01 1.87 16.50
N ILE A 261 1.24 2.28 15.50
CA ILE A 261 1.46 3.56 14.84
C ILE A 261 0.10 4.13 14.43
N HIS A 262 -0.02 5.45 14.43
CA HIS A 262 -1.30 6.13 14.29
C HIS A 262 -1.29 7.21 13.22
N CYS A 263 -2.48 7.59 12.76
CA CYS A 263 -2.60 8.67 11.77
C CYS A 263 -3.93 9.40 11.93
N LEU A 264 -3.97 10.65 11.49
CA LEU A 264 -5.16 11.48 11.64
C LEU A 264 -6.31 11.04 10.75
N LEU A 265 -6.00 10.66 9.51
CA LEU A 265 -7.02 10.22 8.55
C LEU A 265 -6.49 9.08 7.70
N PRO A 266 -7.37 8.16 7.29
CA PRO A 266 -6.95 7.09 6.39
C PRO A 266 -6.63 7.60 4.98
N ASN A 267 -5.82 6.87 4.23
CA ASN A 267 -5.45 7.26 2.87
C ASN A 267 -6.67 7.47 1.98
N GLU A 268 -7.67 6.62 2.18
CA GLU A 268 -8.90 6.69 1.39
C GLU A 268 -9.66 7.98 1.67
N PHE A 269 -9.54 8.49 2.89
CA PHE A 269 -10.11 9.80 3.21
C PHE A 269 -9.39 10.91 2.46
N ILE A 270 -8.06 10.84 2.45
CA ILE A 270 -7.24 11.87 1.84
C ILE A 270 -7.41 11.98 0.32
N THR A 271 -7.40 10.83 -0.38
CA THR A 271 -7.62 10.83 -1.82
C THR A 271 -9.03 11.32 -2.17
N HIS A 272 -9.99 10.98 -1.32
CA HIS A 272 -11.38 11.38 -1.50
C HIS A 272 -11.51 12.90 -1.45
N LEU A 273 -10.93 13.50 -0.41
CA LEU A 273 -10.99 14.95 -0.22
C LEU A 273 -10.19 15.69 -1.30
N PHE A 274 -9.01 15.19 -1.64
CA PHE A 274 -8.16 15.83 -2.65
C PHE A 274 -8.88 15.91 -3.98
N ASP A 275 -9.50 14.80 -4.37
CA ASP A 275 -10.27 14.71 -5.61
C ASP A 275 -11.52 15.60 -5.58
N LEU A 276 -12.19 15.66 -4.43
CA LEU A 276 -13.46 16.38 -4.31
C LEU A 276 -13.28 17.91 -4.35
N GLN A 277 -12.27 18.41 -3.65
CA GLN A 277 -11.98 19.85 -3.59
C GLN A 277 -13.20 20.67 -3.18
N ALA A 278 -13.92 20.19 -2.17
CA ALA A 278 -15.11 20.88 -1.69
C ALA A 278 -14.74 21.97 -0.69
N PRO A 279 -15.37 23.15 -0.81
CA PRO A 279 -15.12 24.26 0.11
C PRO A 279 -15.73 24.02 1.49
N ALA A 280 -14.99 24.36 2.53
CA ALA A 280 -15.48 24.23 3.90
C ALA A 280 -16.50 25.32 4.20
N LEU A 281 -17.65 24.94 4.73
CA LEU A 281 -18.72 25.89 5.01
C LEU A 281 -18.83 26.20 6.50
N ALA A 282 -17.98 25.56 7.30
CA ALA A 282 -17.91 25.80 8.73
C ALA A 282 -16.59 25.22 9.22
N GLU A 283 -16.29 25.42 10.50
CA GLU A 283 -15.02 24.94 11.06
C GLU A 283 -14.94 23.42 11.07
N ALA A 284 -16.09 22.76 11.12
CA ALA A 284 -16.10 21.30 11.18
C ALA A 284 -17.33 20.69 10.53
N ALA A 285 -17.17 19.44 10.11
CA ALA A 285 -18.25 18.66 9.54
C ALA A 285 -18.67 17.59 10.52
N LEU A 286 -19.94 17.57 10.89
CA LEU A 286 -20.43 16.56 11.83
C LEU A 286 -20.57 15.23 11.11
N LEU A 287 -19.86 14.21 11.60
CA LEU A 287 -19.91 12.89 11.00
C LEU A 287 -20.55 11.91 11.98
N ARG A 288 -21.26 10.92 11.45
CA ARG A 288 -21.81 9.87 12.29
C ARG A 288 -21.20 8.54 11.89
N TYR A 289 -20.86 7.72 12.89
CA TYR A 289 -20.29 6.42 12.62
C TYR A 289 -21.43 5.41 12.62
N VAL A 290 -21.68 4.82 11.46
CA VAL A 290 -22.90 4.05 11.22
C VAL A 290 -22.62 2.56 11.04
N HIS A 291 -23.27 1.74 11.86
CA HIS A 291 -23.05 0.30 11.84
C HIS A 291 -24.26 -0.43 11.31
N PRO A 292 -24.17 -0.93 10.07
CA PRO A 292 -25.30 -1.57 9.37
C PRO A 292 -25.94 -2.72 10.16
N ASP A 293 -25.12 -3.53 10.81
CA ASP A 293 -25.62 -4.64 11.62
C ASP A 293 -26.50 -4.16 12.77
N SER A 294 -26.04 -3.12 13.49
CA SER A 294 -26.79 -2.58 14.62
C SER A 294 -27.99 -1.75 14.15
N GLY A 295 -28.05 -1.45 12.86
CA GLY A 295 -29.13 -0.69 12.28
C GLY A 295 -29.25 0.71 12.86
N ARG A 296 -28.13 1.28 13.28
CA ARG A 296 -28.12 2.60 13.89
C ARG A 296 -26.73 3.23 13.92
N THR A 297 -26.69 4.52 14.27
CA THR A 297 -25.45 5.22 14.55
C THR A 297 -24.91 4.79 15.92
N LEU A 298 -23.60 4.52 16.01
CA LEU A 298 -23.01 4.16 17.28
C LEU A 298 -22.44 5.38 18.00
N PHE A 299 -21.76 6.26 17.26
CA PHE A 299 -21.26 7.49 17.83
C PHE A 299 -21.10 8.55 16.76
N GLU A 300 -20.84 9.79 17.18
CA GLU A 300 -20.63 10.89 16.25
C GLU A 300 -19.31 11.58 16.57
N CYS A 301 -18.79 12.32 15.61
CA CYS A 301 -17.50 13.00 15.80
C CYS A 301 -17.48 14.33 15.05
N LYS A 302 -16.43 15.11 15.26
CA LYS A 302 -16.25 16.36 14.54
C LYS A 302 -14.96 16.32 13.74
N LEU A 303 -15.06 16.44 12.42
CA LEU A 303 -13.88 16.51 11.56
C LEU A 303 -13.58 17.98 11.25
N TYR A 304 -12.55 18.51 11.87
CA TYR A 304 -12.24 19.93 11.71
C TYR A 304 -11.63 20.24 10.36
N ARG A 305 -11.73 21.49 9.97
CA ARG A 305 -11.28 21.97 8.67
C ARG A 305 -9.82 21.63 8.41
N GLU A 306 -9.02 21.63 9.48
CA GLU A 306 -7.59 21.38 9.38
C GLU A 306 -7.26 19.89 9.18
N GLY A 307 -8.29 19.05 9.13
CA GLY A 307 -8.12 17.64 8.81
C GLY A 307 -7.81 16.68 9.95
N TYR A 308 -8.40 16.91 11.12
CA TYR A 308 -8.37 15.94 12.21
C TYR A 308 -9.77 15.77 12.80
N MET A 309 -10.00 14.61 13.42
CA MET A 309 -11.28 14.29 14.06
C MET A 309 -11.20 14.41 15.58
N VAL A 310 -12.30 14.79 16.23
CA VAL A 310 -12.37 14.78 17.69
C VAL A 310 -13.66 14.16 18.21
N VAL A 311 -13.62 13.60 19.41
CA VAL A 311 -14.83 13.08 20.06
C VAL A 311 -14.87 13.49 21.53
N ALA A 312 -16.09 13.64 22.05
CA ALA A 312 -16.28 13.86 23.49
C ALA A 312 -16.17 12.53 24.21
N ALA A 313 -14.94 12.15 24.54
CA ALA A 313 -14.65 10.87 25.19
C ALA A 313 -13.30 10.93 25.86
N PRO A 314 -13.09 10.11 26.91
CA PRO A 314 -11.78 10.10 27.56
C PRO A 314 -10.73 9.38 26.73
N ALA A 315 -9.47 9.51 27.10
CA ALA A 315 -8.38 8.87 26.37
C ALA A 315 -8.48 7.34 26.48
N GLY A 316 -7.94 6.65 25.47
CA GLY A 316 -7.91 5.19 25.46
C GLY A 316 -8.56 4.57 24.24
N ARG A 317 -8.47 3.24 24.15
CA ARG A 317 -9.02 2.52 23.01
C ARG A 317 -10.54 2.52 23.00
N LEU A 318 -11.12 2.88 21.85
CA LEU A 318 -12.57 2.75 21.64
C LEU A 318 -12.95 1.31 21.33
N ASN A 319 -14.03 0.83 21.97
CA ASN A 319 -14.46 -0.54 21.75
C ASN A 319 -15.66 -0.61 20.81
N PHE A 320 -15.39 -0.42 19.53
CA PHE A 320 -16.41 -0.50 18.49
C PHE A 320 -15.94 -1.41 17.35
N PRO A 321 -16.89 -2.11 16.72
CA PRO A 321 -16.57 -2.94 15.54
C PRO A 321 -16.05 -2.07 14.40
N LEU A 322 -15.10 -2.59 13.64
CA LEU A 322 -14.46 -1.81 12.59
C LEU A 322 -15.13 -1.98 11.23
N ASP A 323 -16.33 -2.57 11.21
CA ASP A 323 -17.09 -2.72 9.98
C ASP A 323 -18.20 -1.67 9.88
N GLY A 324 -17.92 -0.47 10.36
CA GLY A 324 -18.84 0.65 10.22
C GLY A 324 -18.16 1.76 9.43
N TYR A 325 -18.95 2.70 8.93
CA TYR A 325 -18.42 3.78 8.10
C TYR A 325 -18.87 5.13 8.60
N PHE A 326 -18.08 6.17 8.31
CA PHE A 326 -18.44 7.54 8.63
C PHE A 326 -19.33 8.14 7.56
N ARG A 327 -20.34 8.90 7.99
CA ARG A 327 -21.23 9.59 7.06
C ARG A 327 -21.41 11.05 7.47
N PHE A 328 -21.27 11.94 6.50
CA PHE A 328 -21.42 13.37 6.72
C PHE A 328 -22.89 13.77 6.75
N ASP A 329 -23.28 14.52 7.77
CA ASP A 329 -24.68 14.93 7.94
C ASP A 329 -24.90 16.46 7.82
N SER A 330 -24.05 17.26 8.46
CA SER A 330 -24.14 18.71 8.32
C SER A 330 -22.87 19.45 8.75
N TRP A 331 -22.74 20.71 8.32
CA TRP A 331 -21.68 21.58 8.79
C TRP A 331 -22.05 22.17 10.16
N VAL A 332 -21.10 22.16 11.09
CA VAL A 332 -21.34 22.71 12.42
C VAL A 332 -20.17 23.60 12.85
N SER A 333 -20.42 24.47 13.84
CA SER A 333 -19.38 25.35 14.35
C SER A 333 -18.50 24.63 15.38
N ALA A 334 -17.42 25.28 15.79
CA ALA A 334 -16.53 24.74 16.81
C ALA A 334 -17.21 24.71 18.18
N PHE A 335 -18.30 25.48 18.31
CA PHE A 335 -19.02 25.57 19.57
C PHE A 335 -20.10 24.49 19.69
N TYR A 336 -20.27 23.71 18.63
CA TYR A 336 -21.22 22.61 18.62
C TYR A 336 -20.84 21.57 19.67
N ILE A 337 -21.80 21.17 20.49
CA ILE A 337 -21.53 20.23 21.56
C ILE A 337 -21.87 18.79 21.15
N LEU A 338 -20.83 17.96 21.05
CA LEU A 338 -20.98 16.56 20.65
C LEU A 338 -21.64 15.72 21.74
N SER A 339 -22.43 14.74 21.32
CA SER A 339 -22.95 13.74 22.25
C SER A 339 -21.84 12.77 22.65
N PRO A 340 -21.75 12.44 23.94
CA PRO A 340 -20.66 11.60 24.46
C PRO A 340 -20.58 10.23 23.77
N VAL A 341 -19.38 9.69 23.64
CA VAL A 341 -19.19 8.40 22.98
C VAL A 341 -19.55 7.25 23.90
N VAL B 1 -27.95 8.09 -9.55
CA VAL B 1 -26.53 8.10 -9.25
C VAL B 1 -25.69 7.99 -10.52
N SER B 2 -25.07 9.10 -10.91
CA SER B 2 -24.23 9.16 -12.11
C SER B 2 -22.87 8.48 -11.97
N PHE B 3 -22.41 7.85 -13.04
CA PHE B 3 -21.11 7.20 -13.06
C PHE B 3 -19.98 8.23 -13.20
N SER B 4 -18.82 7.92 -12.60
CA SER B 4 -17.63 8.75 -12.72
C SER B 4 -16.39 7.95 -12.37
N VAL B 5 -15.24 8.45 -12.79
CA VAL B 5 -13.96 7.82 -12.47
C VAL B 5 -13.11 8.83 -11.69
N PRO B 6 -12.11 8.36 -10.91
CA PRO B 6 -11.30 9.28 -10.12
C PRO B 6 -10.55 10.30 -10.98
N GLY B 7 -10.33 11.48 -10.42
CA GLY B 7 -9.64 12.56 -11.10
C GLY B 7 -8.16 12.61 -10.79
N LEU B 8 -7.66 11.53 -10.20
CA LEU B 8 -6.25 11.45 -9.82
C LEU B 8 -5.35 11.18 -11.02
N VAL B 9 -4.16 11.80 -11.04
CA VAL B 9 -3.21 11.53 -12.11
C VAL B 9 -2.61 10.13 -11.94
N VAL B 10 -2.20 9.52 -13.05
CA VAL B 10 -1.81 8.12 -13.09
C VAL B 10 -0.62 7.81 -12.18
N GLU B 11 0.37 8.70 -12.15
CA GLU B 11 1.58 8.45 -11.35
C GLU B 11 1.31 8.62 -9.86
N ASP B 12 0.11 9.08 -9.51
CA ASP B 12 -0.36 9.14 -8.12
C ASP B 12 -1.00 7.84 -7.64
N MET B 13 -1.40 7.00 -8.59
CA MET B 13 -2.19 5.82 -8.26
C MET B 13 -1.36 4.56 -8.07
N SER B 14 -2.00 3.50 -7.58
CA SER B 14 -1.27 2.28 -7.18
C SER B 14 -1.82 1.00 -7.84
N ASN B 15 -0.94 0.01 -7.96
CA ASN B 15 -1.24 -1.28 -8.58
C ASN B 15 -2.10 -2.18 -7.67
N SER B 16 -3.13 -2.81 -8.23
CA SER B 16 -4.05 -3.64 -7.43
C SER B 16 -3.68 -5.12 -7.36
N ARG B 17 -2.50 -5.47 -7.81
CA ARG B 17 -2.04 -6.86 -7.75
C ARG B 17 -0.69 -6.96 -7.04
N TRP B 18 -0.09 -5.80 -6.79
CA TRP B 18 1.24 -5.73 -6.19
C TRP B 18 1.40 -4.39 -5.45
N PRO B 19 2.22 -4.36 -4.38
CA PRO B 19 2.47 -3.08 -3.70
C PRO B 19 3.43 -2.17 -4.47
N ALA B 20 2.89 -1.37 -5.39
CA ALA B 20 3.71 -0.43 -6.15
C ALA B 20 2.91 0.69 -6.81
N GLN B 21 3.56 1.85 -6.91
CA GLN B 21 3.04 2.95 -7.71
C GLN B 21 2.95 2.54 -9.17
N ILE B 22 1.99 3.11 -9.88
CA ILE B 22 1.94 2.97 -11.34
C ILE B 22 3.00 3.87 -11.96
N ASN B 23 3.85 3.30 -12.82
CA ASN B 23 4.84 4.08 -13.55
C ASN B 23 4.85 3.80 -15.06
N GLY B 24 3.85 3.07 -15.55
CA GLY B 24 3.77 2.80 -16.98
C GLY B 24 2.38 2.49 -17.50
N LEU B 25 2.14 2.85 -18.76
CA LEU B 25 0.97 2.41 -19.49
C LEU B 25 1.41 1.58 -20.71
N VAL B 26 0.92 0.34 -20.80
CA VAL B 26 1.25 -0.51 -21.95
C VAL B 26 -0.01 -1.16 -22.53
N VAL B 27 0.05 -1.46 -23.82
CA VAL B 27 -1.04 -2.15 -24.51
C VAL B 27 -0.63 -3.58 -24.81
N ARG B 28 -1.44 -4.54 -24.36
CA ARG B 28 -1.13 -5.96 -24.58
C ARG B 28 -2.00 -6.54 -25.66
N GLY B 29 -1.40 -7.34 -26.54
CA GLY B 29 -2.13 -8.03 -27.58
C GLY B 29 -2.81 -9.29 -27.08
N ASN B 30 -3.49 -9.99 -27.98
CA ASN B 30 -4.17 -11.24 -27.63
C ASN B 30 -3.22 -12.44 -27.70
N GLU B 31 -2.31 -12.51 -26.73
CA GLU B 31 -1.35 -13.60 -26.65
C GLU B 31 -2.04 -14.91 -26.27
N ALA B 32 -1.29 -16.00 -26.33
CA ALA B 32 -1.83 -17.33 -26.03
C ALA B 32 -2.34 -17.39 -24.59
N GLN B 33 -1.62 -16.78 -23.67
CA GLN B 33 -2.04 -16.76 -22.27
C GLN B 33 -3.00 -15.60 -22.03
N VAL B 34 -4.25 -15.94 -21.76
CA VAL B 34 -5.31 -14.94 -21.59
C VAL B 34 -5.25 -14.35 -20.20
N VAL B 35 -5.48 -13.05 -20.08
CA VAL B 35 -5.44 -12.37 -18.78
C VAL B 35 -6.53 -12.93 -17.86
N HIS B 36 -6.11 -13.45 -16.70
CA HIS B 36 -7.02 -14.14 -15.80
C HIS B 36 -6.79 -13.73 -14.35
N PHE B 37 -6.54 -12.44 -14.15
CA PHE B 37 -6.24 -11.88 -12.83
C PHE B 37 -7.36 -12.16 -11.83
N GLN B 38 -6.98 -12.55 -10.62
CA GLN B 38 -7.96 -12.69 -9.54
C GLN B 38 -8.01 -11.46 -8.63
N ASN B 39 -6.86 -10.82 -8.42
CA ASN B 39 -6.82 -9.54 -7.72
C ASN B 39 -7.03 -8.39 -8.73
N GLY B 40 -7.39 -7.22 -8.24
CA GLY B 40 -7.65 -6.09 -9.11
C GLY B 40 -8.83 -6.31 -10.04
N ARG B 41 -9.90 -6.90 -9.51
CA ARG B 41 -11.10 -7.17 -10.31
C ARG B 41 -12.32 -6.44 -9.76
N CYS B 42 -12.76 -5.43 -10.48
CA CYS B 42 -13.95 -4.67 -10.11
C CYS B 42 -14.74 -4.21 -11.32
N THR B 43 -16.05 -4.40 -11.29
CA THR B 43 -16.91 -3.93 -12.38
C THR B 43 -17.17 -2.44 -12.22
N THR B 44 -17.64 -1.80 -13.30
CA THR B 44 -17.94 -0.38 -13.26
C THR B 44 -19.08 -0.06 -12.31
N GLU B 45 -19.80 -1.08 -11.89
CA GLU B 45 -20.90 -0.92 -10.95
C GLU B 45 -20.43 -1.09 -9.51
N GLY B 46 -19.14 -1.38 -9.35
CA GLY B 46 -18.56 -1.57 -8.03
C GLY B 46 -18.78 -2.95 -7.43
N THR B 47 -18.90 -3.96 -8.28
CA THR B 47 -18.96 -5.35 -7.82
C THR B 47 -17.56 -5.97 -7.82
N LEU B 48 -17.12 -6.44 -6.66
CA LEU B 48 -15.81 -7.05 -6.54
C LEU B 48 -15.86 -8.53 -6.95
N LEU B 49 -14.80 -9.01 -7.58
CA LEU B 49 -14.74 -10.37 -8.10
C LEU B 49 -13.44 -11.06 -7.71
N GLY B 50 -13.38 -12.37 -7.88
CA GLY B 50 -12.18 -13.13 -7.55
C GLY B 50 -11.78 -13.05 -6.10
N THR B 51 -10.52 -12.67 -5.86
CA THR B 51 -10.00 -12.51 -4.51
C THR B 51 -9.72 -11.04 -4.18
N THR B 52 -10.46 -10.13 -4.80
CA THR B 52 -10.15 -8.70 -4.69
C THR B 52 -10.59 -8.08 -3.37
N THR B 53 -9.65 -7.44 -2.68
CA THR B 53 -9.95 -6.73 -1.44
C THR B 53 -9.68 -5.23 -1.58
N LEU B 54 -10.38 -4.45 -0.76
CA LEU B 54 -10.20 -3.00 -0.74
C LEU B 54 -9.04 -2.60 0.16
N SER B 55 -8.52 -3.58 0.91
CA SER B 55 -7.40 -3.32 1.82
C SER B 55 -6.08 -3.47 1.08
N ILE B 56 -5.53 -2.35 0.62
CA ILE B 56 -4.39 -2.34 -0.29
C ILE B 56 -3.17 -3.03 0.35
N ASN B 57 -3.07 -2.98 1.67
CA ASN B 57 -1.96 -3.62 2.37
C ASN B 57 -2.09 -5.14 2.49
N SER B 58 -3.25 -5.68 2.14
CA SER B 58 -3.47 -7.12 2.17
C SER B 58 -3.27 -7.78 0.81
N ILE B 59 -2.93 -6.98 -0.19
CA ILE B 59 -2.84 -7.47 -1.57
C ILE B 59 -1.59 -8.32 -1.83
N CYS B 60 -1.81 -9.49 -2.45
CA CYS B 60 -0.75 -10.47 -2.72
C CYS B 60 -0.03 -10.90 -1.44
N GLY B 61 -0.82 -11.27 -0.42
CA GLY B 61 -0.26 -11.70 0.85
C GLY B 61 -1.09 -12.79 1.50
N LEU B 62 -0.57 -13.33 2.61
CA LEU B 62 -1.29 -14.33 3.40
C LEU B 62 -1.24 -13.97 4.87
N ARG B 63 -2.36 -14.20 5.57
CA ARG B 63 -2.41 -13.98 7.01
C ARG B 63 -3.34 -14.98 7.71
N GLY B 64 -3.12 -15.18 9.00
CA GLY B 64 -3.95 -16.07 9.79
C GLY B 64 -3.25 -16.60 11.04
N LEU B 65 -3.91 -17.53 11.72
CA LEU B 65 -3.33 -18.13 12.94
C LEU B 65 -2.42 -19.30 12.59
N SER B 66 -1.30 -19.40 13.30
CA SER B 66 -0.39 -20.52 13.13
C SER B 66 -1.01 -21.81 13.65
N VAL B 67 -0.69 -22.92 12.99
CA VAL B 67 -1.17 -24.23 13.40
C VAL B 67 -0.04 -25.24 13.30
N SER B 68 -0.22 -26.36 13.98
CA SER B 68 0.76 -27.44 13.94
C SER B 68 0.74 -28.16 12.60
N GLN B 69 1.81 -28.89 12.30
CA GLN B 69 1.90 -29.68 11.08
C GLN B 69 0.83 -30.77 11.02
N ALA B 70 0.59 -31.41 12.16
CA ALA B 70 -0.36 -32.52 12.23
C ALA B 70 -1.81 -32.05 12.02
N SER B 71 -2.02 -30.74 12.10
CA SER B 71 -3.34 -30.16 11.85
C SER B 71 -3.63 -30.05 10.36
N VAL B 72 -2.59 -30.20 9.55
CA VAL B 72 -2.71 -30.04 8.11
C VAL B 72 -2.60 -31.38 7.37
N THR B 96 22.51 -28.12 -3.03
CA THR B 96 22.43 -26.68 -3.21
C THR B 96 21.07 -26.15 -2.74
N TYR B 97 20.04 -26.44 -3.53
CA TYR B 97 18.68 -26.12 -3.15
C TYR B 97 18.31 -26.94 -1.93
N THR B 98 18.71 -28.21 -1.95
CA THR B 98 18.44 -29.12 -0.84
C THR B 98 19.22 -28.70 0.42
N LEU B 99 20.45 -28.24 0.22
CA LEU B 99 21.28 -27.80 1.35
C LEU B 99 20.72 -26.55 2.02
N ALA B 100 20.44 -25.53 1.23
CA ALA B 100 19.89 -24.28 1.75
C ALA B 100 18.50 -24.50 2.37
N ARG B 101 17.80 -25.52 1.90
CA ARG B 101 16.46 -25.85 2.37
C ARG B 101 16.48 -26.40 3.80
N ALA B 102 17.51 -27.17 4.11
CA ALA B 102 17.62 -27.78 5.44
C ALA B 102 17.73 -26.72 6.52
N ALA B 103 18.29 -25.57 6.16
CA ALA B 103 18.50 -24.47 7.10
C ALA B 103 17.22 -23.67 7.33
N ASP B 104 16.20 -23.94 6.52
CA ASP B 104 14.94 -23.20 6.59
C ASP B 104 13.99 -23.77 7.65
N THR B 105 12.96 -22.98 7.98
CA THR B 105 11.91 -23.42 8.89
C THR B 105 10.54 -23.20 8.25
N THR B 106 9.67 -24.21 8.31
CA THR B 106 8.34 -24.08 7.74
C THR B 106 7.33 -23.58 8.78
N LEU B 107 6.43 -22.71 8.33
CA LEU B 107 5.37 -22.15 9.16
C LEU B 107 4.03 -22.51 8.55
N TRP B 108 3.09 -22.97 9.37
CA TRP B 108 1.78 -23.37 8.84
C TRP B 108 0.68 -22.46 9.35
N LEU B 109 -0.10 -21.89 8.43
CA LEU B 109 -1.17 -20.98 8.80
C LEU B 109 -2.57 -21.47 8.42
N ARG B 110 -3.52 -21.22 9.31
CA ARG B 110 -4.94 -21.35 8.98
C ARG B 110 -5.38 -19.99 8.44
N VAL B 111 -5.57 -19.91 7.13
CA VAL B 111 -5.76 -18.63 6.46
C VAL B 111 -7.12 -17.99 6.76
N GLU B 112 -7.12 -16.66 6.84
CA GLU B 112 -8.36 -15.92 7.06
C GLU B 112 -8.45 -14.68 6.17
N GLU B 113 -9.58 -13.98 6.23
CA GLU B 113 -9.79 -12.75 5.47
C GLU B 113 -9.08 -11.56 6.10
N PRO B 114 -8.92 -10.45 5.36
CA PRO B 114 -8.23 -9.27 5.89
C PRO B 114 -8.90 -8.67 7.12
N ASP B 115 -10.22 -8.73 7.20
CA ASP B 115 -10.93 -8.22 8.36
C ASP B 115 -10.80 -9.13 9.58
N GLY B 116 -10.14 -10.27 9.41
CA GLY B 116 -9.95 -11.22 10.50
C GLY B 116 -10.98 -12.34 10.58
N ARG B 117 -12.08 -12.20 9.84
CA ARG B 117 -13.10 -13.24 9.78
C ARG B 117 -12.57 -14.47 9.04
N PRO B 118 -13.06 -15.66 9.42
CA PRO B 118 -12.54 -16.92 8.85
C PRO B 118 -12.80 -17.04 7.35
N TYR B 119 -11.94 -17.78 6.66
CA TYR B 119 -12.14 -18.04 5.24
C TYR B 119 -13.22 -19.10 5.05
N ASP B 120 -14.21 -18.79 4.22
CA ASP B 120 -15.26 -19.76 3.92
C ASP B 120 -14.79 -20.66 2.78
N ILE B 121 -14.43 -21.90 3.12
CA ILE B 121 -13.88 -22.83 2.16
C ILE B 121 -14.84 -23.08 1.00
N PHE B 122 -16.13 -23.17 1.30
CA PHE B 122 -17.13 -23.47 0.28
C PHE B 122 -17.89 -22.23 -0.15
N GLY B 123 -17.22 -21.08 -0.10
CA GLY B 123 -17.81 -19.82 -0.52
C GLY B 123 -17.67 -19.50 -1.99
N ASP B 124 -17.75 -18.20 -2.31
CA ASP B 124 -17.74 -17.71 -3.68
C ASP B 124 -16.36 -17.22 -4.13
N GLN B 125 -15.31 -17.69 -3.46
CA GLN B 125 -13.96 -17.22 -3.78
C GLN B 125 -13.04 -18.41 -4.04
N PRO B 126 -12.07 -18.22 -4.96
CA PRO B 126 -11.07 -19.25 -5.27
C PRO B 126 -10.04 -19.42 -4.14
N ALA B 127 -9.96 -18.42 -3.28
CA ALA B 127 -8.99 -18.36 -2.18
C ALA B 127 -9.39 -17.21 -1.26
N PRO B 128 -8.70 -17.06 -0.11
CA PRO B 128 -8.97 -15.84 0.66
C PRO B 128 -8.66 -14.58 -0.15
N LEU B 129 -9.34 -13.49 0.15
CA LEU B 129 -9.10 -12.22 -0.56
C LEU B 129 -7.65 -11.80 -0.39
N GLY B 130 -7.07 -11.22 -1.44
CA GLY B 130 -5.70 -10.75 -1.40
C GLY B 130 -4.63 -11.79 -1.66
N THR B 131 -5.05 -13.03 -1.87
CA THR B 131 -4.12 -14.12 -2.18
C THR B 131 -3.38 -13.81 -3.51
N PRO B 132 -2.09 -14.18 -3.60
CA PRO B 132 -1.37 -14.04 -4.87
C PRO B 132 -2.06 -14.75 -6.03
N ASP B 133 -2.15 -14.10 -7.18
CA ASP B 133 -2.84 -14.66 -8.35
C ASP B 133 -1.89 -15.02 -9.51
N PHE B 134 -0.66 -15.39 -9.20
CA PHE B 134 0.30 -15.79 -10.23
C PHE B 134 1.33 -16.78 -9.70
N THR B 135 2.03 -17.46 -10.61
CA THR B 135 2.99 -18.49 -10.21
C THR B 135 4.42 -17.95 -10.21
N ALA B 136 5.08 -18.09 -9.06
CA ALA B 136 6.47 -17.68 -8.87
C ALA B 136 6.91 -18.06 -7.46
N VAL B 137 8.17 -17.78 -7.14
CA VAL B 137 8.55 -17.76 -5.74
C VAL B 137 8.55 -16.31 -5.29
N ILE B 138 7.72 -16.02 -4.30
CA ILE B 138 7.54 -14.66 -3.83
C ILE B 138 8.30 -14.48 -2.51
N VAL B 139 9.27 -13.57 -2.54
CA VAL B 139 10.07 -13.26 -1.36
C VAL B 139 9.33 -12.18 -0.56
N GLY B 140 9.50 -12.19 0.75
CA GLY B 140 8.81 -11.24 1.61
C GLY B 140 9.13 -11.44 3.07
N THR B 141 8.30 -10.85 3.93
CA THR B 141 8.52 -10.92 5.37
C THR B 141 7.39 -11.65 6.10
N ALA B 142 7.75 -12.59 6.97
CA ALA B 142 6.78 -13.24 7.85
C ALA B 142 6.71 -12.48 9.17
N ILE B 143 5.54 -11.91 9.48
CA ILE B 143 5.43 -11.05 10.63
C ILE B 143 4.45 -11.58 11.68
N ARG B 144 4.92 -11.65 12.91
CA ARG B 144 4.11 -12.06 14.05
C ARG B 144 4.05 -10.87 15.00
N PRO B 145 3.11 -9.94 14.75
CA PRO B 145 3.13 -8.57 15.28
C PRO B 145 2.55 -8.33 16.66
N ARG B 146 1.66 -9.17 17.18
CA ARG B 146 0.95 -8.84 18.42
C ARG B 146 1.20 -9.77 19.61
N THR B 147 2.09 -10.75 19.48
CA THR B 147 2.29 -11.75 20.54
C THR B 147 2.82 -11.14 21.84
N ALA B 148 2.19 -11.51 22.94
CA ALA B 148 2.51 -10.99 24.28
C ALA B 148 3.94 -11.33 24.71
N SER B 149 4.43 -12.46 24.25
CA SER B 149 5.79 -12.91 24.56
C SER B 149 6.85 -12.04 23.86
N GLY B 150 6.39 -11.22 22.92
CA GLY B 150 7.27 -10.35 22.16
C GLY B 150 7.02 -10.47 20.67
N ALA B 151 7.25 -9.39 19.95
CA ALA B 151 6.98 -9.36 18.52
C ALA B 151 8.11 -10.04 17.75
N TYR B 152 7.80 -10.59 16.59
CA TYR B 152 8.79 -11.32 15.83
C TYR B 152 8.60 -11.13 14.33
N LEU B 153 9.70 -11.21 13.58
CA LEU B 153 9.65 -11.24 12.13
C LEU B 153 10.86 -11.99 11.58
N HIS B 154 10.75 -12.47 10.35
CA HIS B 154 11.87 -13.15 9.71
C HIS B 154 11.71 -13.15 8.20
N ASP B 155 12.85 -13.18 7.51
CA ASP B 155 12.88 -13.25 6.05
C ASP B 155 12.22 -14.55 5.59
N ALA B 156 11.41 -14.48 4.54
CA ALA B 156 10.59 -15.63 4.14
C ALA B 156 10.27 -15.65 2.64
N TYR B 157 9.79 -16.80 2.17
CA TYR B 157 9.33 -16.93 0.80
C TYR B 157 8.15 -17.90 0.67
N VAL B 158 7.32 -17.67 -0.34
CA VAL B 158 6.20 -18.56 -0.63
C VAL B 158 6.26 -19.05 -2.07
N ASP B 159 6.33 -20.36 -2.26
CA ASP B 159 6.40 -20.94 -3.59
C ASP B 159 4.99 -21.23 -4.09
N THR B 160 4.54 -20.46 -5.07
CA THR B 160 3.18 -20.56 -5.58
C THR B 160 3.07 -21.34 -6.89
N THR B 161 4.17 -21.97 -7.31
CA THR B 161 4.17 -22.77 -8.53
C THR B 161 3.60 -24.16 -8.24
N PRO B 162 3.19 -24.88 -9.29
CA PRO B 162 2.74 -26.27 -9.07
C PRO B 162 3.88 -27.19 -8.65
N GLY B 163 5.10 -26.67 -8.67
CA GLY B 163 6.26 -27.37 -8.16
C GLY B 163 6.21 -27.59 -6.65
N ASP B 164 5.45 -26.77 -5.95
CA ASP B 164 5.26 -26.94 -4.51
C ASP B 164 3.87 -27.42 -4.19
N ALA B 165 3.79 -28.61 -3.60
CA ALA B 165 2.52 -29.24 -3.25
C ALA B 165 1.77 -28.50 -2.13
N ASP B 166 2.48 -27.69 -1.35
CA ASP B 166 1.90 -27.15 -0.10
C ASP B 166 1.37 -25.72 -0.21
N PHE B 167 1.31 -25.16 -1.42
CA PHE B 167 0.56 -23.92 -1.62
C PHE B 167 -0.89 -24.28 -1.84
N THR B 168 -1.66 -24.31 -0.75
CA THR B 168 -3.04 -24.78 -0.81
C THR B 168 -4.05 -23.89 -0.09
N PRO B 169 -4.03 -22.57 -0.35
CA PRO B 169 -4.90 -21.69 0.44
C PRO B 169 -6.39 -21.99 0.30
N SER B 170 -6.77 -22.64 -0.80
CA SER B 170 -8.17 -22.99 -1.02
C SER B 170 -8.70 -24.01 -0.01
N THR B 171 -7.78 -24.74 0.62
CA THR B 171 -8.16 -25.79 1.57
C THR B 171 -8.24 -25.29 3.01
N GLY B 172 -7.85 -24.03 3.23
CA GLY B 172 -7.90 -23.44 4.55
C GLY B 172 -6.55 -23.38 5.25
N ASN B 173 -5.56 -24.07 4.70
CA ASN B 173 -4.20 -24.01 5.22
C ASN B 173 -3.16 -23.83 4.12
N THR B 174 -2.12 -23.05 4.39
CA THR B 174 -1.02 -22.90 3.45
C THR B 174 0.31 -22.80 4.18
N LYS B 175 1.40 -22.88 3.43
CA LYS B 175 2.73 -22.95 4.03
C LYS B 175 3.57 -21.71 3.75
N ILE B 176 4.32 -21.26 4.76
CA ILE B 176 5.27 -20.18 4.59
C ILE B 176 6.64 -20.65 5.08
N VAL B 177 7.66 -20.45 4.25
CA VAL B 177 9.00 -20.92 4.59
C VAL B 177 9.87 -19.79 5.09
N LEU B 178 10.33 -19.93 6.33
CA LEU B 178 11.26 -18.98 6.91
C LEU B 178 12.68 -19.33 6.48
N ARG B 179 13.32 -18.39 5.78
CA ARG B 179 14.62 -18.64 5.18
C ARG B 179 15.76 -18.55 6.19
N GLY B 180 16.43 -19.67 6.42
CA GLY B 180 17.63 -19.70 7.24
C GLY B 180 17.44 -19.69 8.74
N GLY B 181 16.20 -19.64 9.21
CA GLY B 181 15.94 -19.61 10.64
C GLY B 181 14.46 -19.63 10.99
N GLY B 182 14.15 -19.35 12.24
CA GLY B 182 12.78 -19.26 12.69
C GLY B 182 12.35 -20.40 13.59
N SER B 183 13.28 -21.29 13.91
CA SER B 183 12.98 -22.42 14.79
C SER B 183 12.71 -21.96 16.21
N GLY B 184 11.61 -22.44 16.79
CA GLY B 184 11.24 -22.06 18.13
C GLY B 184 10.27 -20.90 18.17
N HIS B 185 10.00 -20.31 17.01
CA HIS B 185 9.11 -19.16 16.91
C HIS B 185 7.81 -19.48 16.17
N VAL B 186 7.66 -20.71 15.70
CA VAL B 186 6.53 -21.07 14.85
C VAL B 186 5.46 -21.90 15.56
N GLY B 187 5.29 -21.66 16.86
CA GLY B 187 4.28 -22.35 17.65
C GLY B 187 2.86 -21.96 17.27
N GLN B 188 1.90 -22.83 17.56
CA GLN B 188 0.52 -22.62 17.16
C GLN B 188 -0.20 -21.57 17.99
N GLY B 189 -1.27 -21.02 17.44
CA GLY B 189 -2.13 -20.08 18.15
C GLY B 189 -1.77 -18.60 18.08
N HIS B 190 -0.91 -18.22 17.13
CA HIS B 190 -0.47 -16.84 17.04
C HIS B 190 -0.78 -16.24 15.67
N TYR B 191 -1.01 -14.93 15.63
CA TYR B 191 -1.39 -14.27 14.37
C TYR B 191 -0.17 -13.94 13.52
N TRP B 192 -0.20 -14.35 12.26
CA TRP B 192 0.91 -14.14 11.35
C TRP B 192 0.49 -13.44 10.06
N GLN B 193 1.43 -12.72 9.45
CA GLN B 193 1.22 -12.16 8.12
C GLN B 193 2.40 -12.46 7.20
N PHE B 194 2.11 -12.71 5.92
CA PHE B 194 3.14 -12.70 4.90
C PHE B 194 2.95 -11.50 3.95
N ARG B 195 3.95 -10.63 3.89
CA ARG B 195 3.89 -9.43 3.04
C ARG B 195 4.95 -9.49 1.93
N PRO B 196 4.54 -9.24 0.67
CA PRO B 196 5.42 -9.41 -0.49
C PRO B 196 6.41 -8.26 -0.71
N ILE B 197 7.67 -8.61 -0.96
CA ILE B 197 8.71 -7.64 -1.30
C ILE B 197 9.17 -7.80 -2.75
N ALA B 198 9.38 -9.04 -3.18
CA ALA B 198 9.89 -9.32 -4.53
C ALA B 198 9.63 -10.76 -4.97
N VAL B 199 9.96 -11.06 -6.24
CA VAL B 199 9.96 -12.43 -6.74
C VAL B 199 11.41 -12.89 -7.00
N GLU B 200 11.63 -14.20 -6.95
CA GLU B 200 12.95 -14.75 -7.25
C GLU B 200 13.18 -14.68 -8.76
N GLY B 201 14.43 -14.52 -9.17
CA GLY B 201 14.74 -14.44 -10.60
C GLY B 201 16.05 -15.07 -11.02
N GLY B 202 16.72 -15.73 -10.09
CA GLY B 202 18.00 -16.36 -10.37
C GLY B 202 17.98 -17.32 -11.54
N GLY B 203 19.16 -17.75 -11.98
CA GLY B 203 19.29 -18.49 -13.22
C GLY B 203 18.54 -19.81 -13.26
N SER B 204 18.68 -20.60 -12.20
CA SER B 204 18.04 -21.91 -12.12
C SER B 204 16.93 -21.89 -11.06
N ARG B 205 16.24 -20.76 -10.96
CA ARG B 205 15.15 -20.59 -10.02
C ARG B 205 13.82 -20.55 -10.76
N PRO B 206 12.71 -20.83 -10.05
CA PRO B 206 11.40 -20.87 -10.73
C PRO B 206 11.07 -19.56 -11.43
N GLN B 207 10.48 -19.67 -12.62
CA GLN B 207 10.11 -18.52 -13.44
C GLN B 207 9.00 -17.70 -12.81
N TYR B 208 9.10 -16.39 -12.95
CA TYR B 208 8.02 -15.51 -12.53
C TYR B 208 7.09 -15.25 -13.71
N GLN B 209 5.85 -15.72 -13.61
CA GLN B 209 4.90 -15.64 -14.70
C GLN B 209 3.59 -15.03 -14.21
N GLU B 210 3.50 -13.71 -14.32
CA GLU B 210 2.39 -12.96 -13.74
C GLU B 210 1.05 -13.29 -14.38
N TYR B 211 1.05 -13.91 -15.56
CA TYR B 211 -0.19 -14.22 -16.25
C TYR B 211 -0.66 -15.66 -15.98
N ASN B 212 0.15 -16.41 -15.25
CA ASN B 212 -0.16 -17.82 -14.97
C ASN B 212 -0.83 -18.03 -13.61
N LEU B 213 -2.11 -18.38 -13.64
CA LEU B 213 -2.84 -18.65 -12.40
C LEU B 213 -2.29 -19.86 -11.66
N PRO B 214 -2.20 -19.76 -10.33
CA PRO B 214 -1.71 -20.86 -9.50
C PRO B 214 -2.78 -21.92 -9.25
N ASP B 215 -2.37 -23.06 -8.70
CA ASP B 215 -3.33 -24.04 -8.22
C ASP B 215 -3.61 -23.77 -6.76
N TYR B 216 -4.72 -23.08 -6.49
CA TYR B 216 -5.07 -22.65 -5.13
C TYR B 216 -5.32 -23.83 -4.18
N ALA B 217 -5.77 -24.96 -4.71
CA ALA B 217 -6.03 -26.13 -3.88
C ALA B 217 -4.87 -27.12 -3.91
N GLY B 218 -3.81 -26.75 -4.61
CA GLY B 218 -2.70 -27.66 -4.79
C GLY B 218 -3.00 -28.64 -5.92
N PRO B 219 -2.12 -29.63 -6.11
CA PRO B 219 -2.21 -30.64 -7.18
C PRO B 219 -3.43 -31.55 -7.08
N THR B 220 -3.89 -31.82 -5.86
CA THR B 220 -4.94 -32.82 -5.63
C THR B 220 -6.35 -32.38 -6.08
N ALA B 221 -6.63 -31.08 -6.04
CA ALA B 221 -7.98 -30.60 -6.30
C ALA B 221 -7.99 -29.47 -7.33
N SER B 222 -9.18 -29.05 -7.74
CA SER B 222 -9.32 -28.04 -8.78
C SER B 222 -9.69 -26.69 -8.17
N ASN B 223 -9.43 -25.62 -8.92
CA ASN B 223 -9.86 -24.28 -8.54
C ASN B 223 -11.36 -24.15 -8.71
N HIS B 224 -11.94 -23.09 -8.14
CA HIS B 224 -13.37 -22.83 -8.30
C HIS B 224 -13.66 -21.36 -8.11
N ASP B 225 -14.73 -20.88 -8.73
CA ASP B 225 -15.18 -19.50 -8.56
C ASP B 225 -14.13 -18.47 -8.99
N LEU B 226 -13.33 -18.80 -10.01
CA LEU B 226 -12.39 -17.83 -10.55
C LEU B 226 -13.14 -16.69 -11.24
N ALA B 227 -12.64 -15.47 -11.10
CA ALA B 227 -13.16 -14.36 -11.89
C ALA B 227 -12.91 -14.64 -13.37
N PRO B 228 -13.84 -14.22 -14.24
CA PRO B 228 -13.77 -14.57 -15.67
C PRO B 228 -12.53 -14.04 -16.39
N PRO B 229 -12.12 -14.72 -17.48
CA PRO B 229 -11.00 -14.30 -18.33
C PRO B 229 -11.25 -12.94 -18.98
N VAL B 230 -10.17 -12.21 -19.24
CA VAL B 230 -10.28 -10.92 -19.91
C VAL B 230 -9.69 -10.96 -21.31
N ALA B 231 -10.55 -10.81 -22.30
CA ALA B 231 -10.11 -10.67 -23.69
C ALA B 231 -11.07 -9.79 -24.46
N PRO B 232 -10.56 -8.72 -25.08
CA PRO B 232 -11.39 -7.82 -25.87
C PRO B 232 -12.08 -8.54 -27.04
N ARG B 233 -13.39 -8.35 -27.15
CA ARG B 233 -14.18 -8.94 -28.23
C ARG B 233 -14.05 -8.16 -29.54
N MET B 234 -14.14 -6.84 -29.46
CA MET B 234 -14.23 -5.98 -30.66
C MET B 234 -12.92 -5.87 -31.43
N PRO B 235 -13.00 -5.87 -32.77
CA PRO B 235 -11.83 -5.81 -33.64
C PRO B 235 -11.14 -4.44 -33.59
N GLY B 236 -9.81 -4.45 -33.53
CA GLY B 236 -9.04 -3.22 -33.45
C GLY B 236 -8.90 -2.68 -32.04
N GLU B 237 -9.38 -3.44 -31.05
CA GLU B 237 -9.30 -3.04 -29.65
C GLU B 237 -8.40 -3.98 -28.84
N LEU B 238 -7.34 -3.44 -28.24
CA LEU B 238 -6.44 -4.23 -27.43
C LEU B 238 -6.46 -3.76 -25.97
N LEU B 239 -6.05 -4.62 -25.06
CA LEU B 239 -6.13 -4.34 -23.63
C LEU B 239 -5.12 -3.28 -23.16
N LEU B 240 -5.60 -2.34 -22.35
CA LEU B 240 -4.71 -1.34 -21.75
C LEU B 240 -4.41 -1.74 -20.31
N LEU B 241 -3.13 -1.87 -19.98
CA LEU B 241 -2.72 -2.29 -18.65
C LEU B 241 -1.91 -1.21 -17.95
N PHE B 242 -2.04 -1.16 -16.62
CA PHE B 242 -1.27 -0.27 -15.79
C PHE B 242 -0.02 -1.01 -15.29
N GLU B 243 1.15 -0.45 -15.56
CA GLU B 243 2.41 -1.12 -15.28
C GLU B 243 3.09 -0.61 -14.00
N SER B 244 3.76 -1.51 -13.28
CA SER B 244 4.61 -1.13 -12.17
C SER B 244 5.93 -1.90 -12.26
N ASP B 245 6.96 -1.43 -11.57
CA ASP B 245 8.20 -2.20 -11.45
C ASP B 245 8.00 -3.40 -10.54
N MET B 246 8.65 -4.51 -10.87
CA MET B 246 8.65 -5.69 -10.00
C MET B 246 10.06 -5.98 -9.49
N PRO B 247 10.28 -5.87 -8.18
CA PRO B 247 11.61 -6.12 -7.63
C PRO B 247 11.99 -7.59 -7.79
N VAL B 248 13.28 -7.85 -7.94
CA VAL B 248 13.77 -9.21 -8.15
C VAL B 248 14.82 -9.58 -7.11
N TRP B 249 14.70 -10.79 -6.57
CA TRP B 249 15.62 -11.31 -5.59
C TRP B 249 16.46 -12.39 -6.27
N ASP B 250 17.78 -12.29 -6.18
CA ASP B 250 18.64 -13.35 -6.71
C ASP B 250 19.81 -13.64 -5.77
N ASN B 251 19.51 -13.64 -4.48
CA ASN B 251 20.48 -13.96 -3.43
C ASN B 251 21.68 -13.01 -3.40
N GLY B 252 21.43 -11.76 -3.76
CA GLY B 252 22.46 -10.72 -3.68
C GLY B 252 23.38 -10.63 -4.87
N ALA B 253 23.11 -11.43 -5.90
CA ALA B 253 23.93 -11.43 -7.11
C ALA B 253 23.75 -10.13 -7.90
N GLY B 254 22.50 -9.70 -8.06
CA GLY B 254 22.20 -8.51 -8.84
C GLY B 254 22.35 -8.68 -10.33
N ALA B 255 22.17 -9.92 -10.81
CA ALA B 255 22.37 -10.22 -12.22
C ALA B 255 21.07 -10.52 -12.97
N ALA B 256 20.01 -10.85 -12.24
CA ALA B 256 18.74 -11.24 -12.85
C ALA B 256 18.09 -10.05 -13.56
N PRO B 257 17.44 -10.32 -14.71
CA PRO B 257 16.86 -9.21 -15.49
C PRO B 257 15.65 -8.59 -14.82
N ALA B 258 15.45 -7.29 -15.06
CA ALA B 258 14.39 -6.54 -14.42
C ALA B 258 13.00 -7.02 -14.86
N GLN B 259 12.02 -6.83 -13.98
CA GLN B 259 10.68 -7.35 -14.21
C GLN B 259 9.61 -6.27 -14.05
N LYS B 260 8.40 -6.57 -14.51
CA LYS B 260 7.26 -5.67 -14.38
C LYS B 260 6.07 -6.45 -13.84
N ILE B 261 5.04 -5.74 -13.40
CA ILE B 261 3.76 -6.35 -13.06
C ILE B 261 2.62 -5.41 -13.46
N HIS B 262 1.48 -5.98 -13.83
CA HIS B 262 0.40 -5.24 -14.45
C HIS B 262 -0.94 -5.47 -13.75
N CYS B 263 -1.88 -4.54 -13.95
CA CYS B 263 -3.22 -4.68 -13.39
C CYS B 263 -4.26 -3.98 -14.27
N LEU B 264 -5.52 -4.43 -14.17
CA LEU B 264 -6.58 -3.90 -15.01
C LEU B 264 -6.99 -2.48 -14.64
N LEU B 265 -7.03 -2.21 -13.35
CA LEU B 265 -7.41 -0.90 -12.82
C LEU B 265 -6.59 -0.59 -11.57
N PRO B 266 -6.28 0.70 -11.34
CA PRO B 266 -5.59 1.09 -10.10
C PRO B 266 -6.49 0.96 -8.87
N ASN B 267 -5.90 0.83 -7.69
CA ASN B 267 -6.69 0.67 -6.46
C ASN B 267 -7.69 1.80 -6.23
N GLU B 268 -7.28 3.02 -6.56
CA GLU B 268 -8.13 4.19 -6.37
C GLU B 268 -9.36 4.15 -7.27
N PHE B 269 -9.22 3.52 -8.44
CA PHE B 269 -10.37 3.28 -9.32
C PHE B 269 -11.36 2.32 -8.66
N ILE B 270 -10.83 1.24 -8.09
CA ILE B 270 -11.67 0.21 -7.47
C ILE B 270 -12.46 0.73 -6.25
N THR B 271 -11.79 1.44 -5.35
CA THR B 271 -12.49 2.02 -4.18
C THR B 271 -13.51 3.06 -4.61
N HIS B 272 -13.20 3.79 -5.68
CA HIS B 272 -14.10 4.81 -6.20
C HIS B 272 -15.39 4.18 -6.72
N LEU B 273 -15.27 3.13 -7.52
CA LEU B 273 -16.41 2.43 -8.07
C LEU B 273 -17.23 1.71 -6.98
N PHE B 274 -16.53 1.07 -6.03
CA PHE B 274 -17.20 0.34 -4.96
C PHE B 274 -18.09 1.24 -4.09
N ASP B 275 -17.57 2.40 -3.72
CA ASP B 275 -18.32 3.39 -2.94
C ASP B 275 -19.49 3.98 -3.74
N LEU B 276 -19.27 4.21 -5.02
CA LEU B 276 -20.26 4.85 -5.89
C LEU B 276 -21.47 3.97 -6.22
N GLN B 277 -21.21 2.71 -6.54
CA GLN B 277 -22.28 1.75 -6.88
C GLN B 277 -23.21 2.28 -7.97
N ALA B 278 -22.65 2.83 -9.03
CA ALA B 278 -23.46 3.35 -10.12
C ALA B 278 -23.86 2.23 -11.10
N PRO B 279 -25.12 2.21 -11.53
CA PRO B 279 -25.57 1.21 -12.50
C PRO B 279 -25.01 1.50 -13.89
N ALA B 280 -24.59 0.45 -14.59
CA ALA B 280 -24.11 0.58 -15.96
C ALA B 280 -25.25 0.82 -16.93
N LEU B 281 -25.13 1.84 -17.77
CA LEU B 281 -26.20 2.21 -18.70
C LEU B 281 -25.87 1.78 -20.13
N ALA B 282 -24.69 1.18 -20.29
CA ALA B 282 -24.25 0.68 -21.58
C ALA B 282 -23.10 -0.29 -21.37
N GLU B 283 -22.63 -0.89 -22.44
CA GLU B 283 -21.58 -1.90 -22.38
C GLU B 283 -20.24 -1.34 -21.94
N ALA B 284 -20.00 -0.06 -22.21
CA ALA B 284 -18.73 0.56 -21.87
C ALA B 284 -18.85 2.05 -21.58
N ALA B 285 -17.90 2.57 -20.81
CA ALA B 285 -17.85 4.00 -20.53
C ALA B 285 -16.68 4.62 -21.28
N LEU B 286 -16.99 5.62 -22.11
CA LEU B 286 -15.95 6.30 -22.88
C LEU B 286 -15.18 7.25 -21.96
N LEU B 287 -13.88 7.03 -21.86
CA LEU B 287 -13.03 7.86 -21.03
C LEU B 287 -12.06 8.66 -21.88
N ARG B 288 -11.74 9.87 -21.45
CA ARG B 288 -10.70 10.66 -22.11
C ARG B 288 -9.56 10.89 -21.14
N TYR B 289 -8.33 10.80 -21.65
CA TYR B 289 -7.15 11.04 -20.85
C TYR B 289 -6.72 12.49 -21.04
N VAL B 290 -6.76 13.26 -19.96
CA VAL B 290 -6.63 14.71 -20.05
C VAL B 290 -5.33 15.19 -19.40
N HIS B 291 -4.53 15.93 -20.18
CA HIS B 291 -3.24 16.39 -19.73
C HIS B 291 -3.26 17.91 -19.57
N PRO B 292 -3.31 18.39 -18.31
CA PRO B 292 -3.46 19.81 -17.97
C PRO B 292 -2.41 20.74 -18.59
N ASP B 293 -1.15 20.33 -18.61
CA ASP B 293 -0.09 21.13 -19.21
C ASP B 293 -0.32 21.34 -20.71
N SER B 294 -0.68 20.26 -21.41
CA SER B 294 -0.93 20.33 -22.86
C SER B 294 -2.27 20.99 -23.16
N GLY B 295 -3.09 21.13 -22.12
CA GLY B 295 -4.41 21.75 -22.26
C GLY B 295 -5.35 21.01 -23.19
N ARG B 296 -5.22 19.69 -23.27
CA ARG B 296 -6.07 18.90 -24.16
C ARG B 296 -6.07 17.42 -23.82
N THR B 297 -6.98 16.69 -24.47
CA THR B 297 -7.02 15.24 -24.44
C THR B 297 -5.89 14.66 -25.28
N LEU B 298 -5.19 13.65 -24.75
CA LEU B 298 -4.10 13.01 -25.49
C LEU B 298 -4.59 11.76 -26.24
N PHE B 299 -5.40 10.96 -25.56
CA PHE B 299 -6.00 9.78 -26.18
C PHE B 299 -7.28 9.44 -25.47
N GLU B 300 -8.05 8.52 -26.06
CA GLU B 300 -9.29 8.06 -25.44
C GLU B 300 -9.32 6.53 -25.36
N CYS B 301 -10.14 6.01 -24.47
CA CYS B 301 -10.22 4.58 -24.24
C CYS B 301 -11.65 4.17 -23.91
N LYS B 302 -11.90 2.87 -23.84
CA LYS B 302 -13.21 2.37 -23.44
C LYS B 302 -13.10 1.49 -22.20
N LEU B 303 -13.78 1.88 -21.13
CA LEU B 303 -13.83 1.09 -19.92
C LEU B 303 -15.07 0.20 -19.95
N TYR B 304 -14.87 -1.09 -20.21
CA TYR B 304 -16.01 -2.00 -20.32
C TYR B 304 -16.57 -2.30 -18.94
N ARG B 305 -17.84 -2.68 -18.89
CA ARG B 305 -18.56 -2.90 -17.65
C ARG B 305 -17.86 -3.94 -16.77
N GLU B 306 -17.20 -4.89 -17.43
CA GLU B 306 -16.53 -5.99 -16.75
C GLU B 306 -15.24 -5.54 -16.07
N GLY B 307 -14.93 -4.25 -16.17
CA GLY B 307 -13.83 -3.67 -15.43
C GLY B 307 -12.43 -3.75 -16.03
N TYR B 308 -12.34 -3.62 -17.35
CA TYR B 308 -11.04 -3.44 -17.99
C TYR B 308 -11.10 -2.32 -19.04
N MET B 309 -9.94 -1.74 -19.36
CA MET B 309 -9.84 -0.69 -20.38
C MET B 309 -9.24 -1.23 -21.67
N VAL B 310 -9.68 -0.69 -22.81
CA VAL B 310 -9.08 -1.03 -24.11
C VAL B 310 -8.85 0.23 -24.96
N VAL B 311 -7.87 0.16 -25.87
CA VAL B 311 -7.63 1.27 -26.81
C VAL B 311 -7.43 0.77 -28.23
N ALA B 312 -7.77 1.61 -29.20
CA ALA B 312 -7.47 1.33 -30.60
C ALA B 312 -6.00 1.65 -30.85
N ALA B 313 -5.15 0.67 -30.57
CA ALA B 313 -3.71 0.87 -30.67
C ALA B 313 -2.99 -0.48 -30.75
N PRO B 314 -1.81 -0.52 -31.39
CA PRO B 314 -1.05 -1.76 -31.48
C PRO B 314 -0.42 -2.08 -30.13
N ALA B 315 0.09 -3.31 -29.97
CA ALA B 315 0.70 -3.70 -28.71
C ALA B 315 1.98 -2.93 -28.44
N GLY B 316 2.31 -2.78 -27.16
CA GLY B 316 3.53 -2.10 -26.75
C GLY B 316 3.29 -0.95 -25.79
N ARG B 317 4.38 -0.35 -25.31
CA ARG B 317 4.31 0.74 -24.34
C ARG B 317 3.78 2.04 -24.93
N LEU B 318 2.81 2.64 -24.25
CA LEU B 318 2.33 3.98 -24.61
C LEU B 318 3.29 5.05 -24.12
N ASN B 319 3.59 6.03 -24.97
CA ASN B 319 4.51 7.11 -24.59
C ASN B 319 3.77 8.39 -24.27
N PHE B 320 3.16 8.44 -23.08
CA PHE B 320 2.45 9.62 -22.61
C PHE B 320 2.92 9.96 -21.20
N PRO B 321 2.92 11.26 -20.85
CA PRO B 321 3.22 11.67 -19.47
C PRO B 321 2.17 11.13 -18.50
N LEU B 322 2.59 10.76 -17.30
CA LEU B 322 1.70 10.13 -16.34
C LEU B 322 1.08 11.14 -15.37
N ASP B 323 1.21 12.42 -15.69
CA ASP B 323 0.58 13.46 -14.87
C ASP B 323 -0.71 13.93 -15.54
N GLY B 324 -1.42 12.98 -16.16
CA GLY B 324 -2.72 13.23 -16.72
C GLY B 324 -3.76 12.34 -16.05
N TYR B 325 -5.04 12.66 -16.22
CA TYR B 325 -6.11 11.91 -15.56
C TYR B 325 -7.22 11.48 -16.53
N PHE B 326 -7.89 10.37 -16.19
CA PHE B 326 -9.04 9.90 -16.95
C PHE B 326 -10.30 10.65 -16.53
N ARG B 327 -11.13 10.98 -17.51
CA ARG B 327 -12.40 11.66 -17.25
C ARG B 327 -13.53 10.97 -18.02
N PHE B 328 -14.62 10.68 -17.34
CA PHE B 328 -15.77 10.02 -17.96
C PHE B 328 -16.61 11.01 -18.75
N ASP B 329 -16.94 10.67 -20.00
CA ASP B 329 -17.71 11.58 -20.84
C ASP B 329 -19.10 11.05 -21.18
N SER B 330 -19.22 9.80 -21.62
CA SER B 330 -20.54 9.22 -21.87
C SER B 330 -20.54 7.70 -21.94
N TRP B 331 -21.72 7.11 -21.79
CA TRP B 331 -21.91 5.69 -22.02
C TRP B 331 -22.02 5.40 -23.51
N VAL B 332 -21.30 4.38 -23.99
CA VAL B 332 -21.34 3.99 -25.40
C VAL B 332 -21.46 2.47 -25.54
N SER B 333 -21.90 2.03 -26.72
CA SER B 333 -22.02 0.60 -27.00
C SER B 333 -20.66 0.01 -27.36
N ALA B 334 -20.61 -1.31 -27.46
CA ALA B 334 -19.39 -2.01 -27.83
C ALA B 334 -19.00 -1.71 -29.28
N PHE B 335 -19.94 -1.21 -30.06
CA PHE B 335 -19.68 -0.90 -31.47
C PHE B 335 -19.14 0.52 -31.69
N TYR B 336 -19.03 1.29 -30.62
CA TYR B 336 -18.43 2.62 -30.72
C TYR B 336 -16.98 2.52 -31.17
N ILE B 337 -16.61 3.29 -32.19
CA ILE B 337 -15.28 3.22 -32.74
C ILE B 337 -14.35 4.27 -32.15
N LEU B 338 -13.35 3.80 -31.40
CA LEU B 338 -12.38 4.67 -30.77
C LEU B 338 -11.42 5.29 -31.78
N SER B 339 -11.02 6.52 -31.51
CA SER B 339 -9.97 7.18 -32.28
C SER B 339 -8.63 6.56 -31.90
N PRO B 340 -7.79 6.26 -32.90
CA PRO B 340 -6.51 5.59 -32.65
C PRO B 340 -5.60 6.38 -31.73
N VAL B 341 -4.81 5.68 -30.93
CA VAL B 341 -3.93 6.33 -29.98
C VAL B 341 -2.70 6.91 -30.67
C1 EDO C . 21.87 -0.28 14.84
O1 EDO C . 20.57 0.26 15.02
C2 EDO C . 21.81 -1.41 13.81
O2 EDO C . 20.81 -2.34 14.22
C1 EDO D . -14.34 -10.45 -4.05
O1 EDO D . -14.56 -9.55 -2.95
C2 EDO D . -15.42 -11.51 -4.09
O2 EDO D . -15.11 -12.48 -5.10
C1 EDO E . 14.36 -20.98 -2.34
O1 EDO E . 15.46 -20.14 -2.71
C2 EDO E . 13.38 -21.08 -3.50
O2 EDO E . 14.01 -21.74 -4.60
C1 EDO F . 14.71 -9.56 2.99
O1 EDO F . 13.40 -10.08 3.23
C2 EDO F . 15.04 -9.64 1.50
O2 EDO F . 14.02 -8.98 0.75
C1 EDO G . -14.67 -22.17 -12.13
O1 EDO G . -13.50 -21.47 -11.72
C2 EDO G . -14.37 -23.67 -12.20
O2 EDO G . -13.26 -23.89 -13.06
#